data_6CCI
#
_entry.id   6CCI
#
_cell.length_a   49.431
_cell.length_b   58.169
_cell.length_c   138.528
_cell.angle_alpha   90.00
_cell.angle_beta   90.00
_cell.angle_gamma   90.00
#
_symmetry.space_group_name_H-M   'P 21 21 21'
#
loop_
_entity.id
_entity.type
_entity.pdbx_description
1 polymer 'Protein ESKIMO 1'
2 branched 2-acetamido-2-deoxy-beta-D-glucopyranose-(1-4)-2-acetamido-2-deoxy-beta-D-glucopyranose
3 non-polymer 'COBALT (II) ION'
4 non-polymer 2-acetamido-2-deoxy-beta-D-glucopyranose
5 non-polymer 'CALCIUM ION'
6 water water
#
_entity_poly.entity_id   1
_entity_poly.type   'polypeptide(L)'
_entity_poly.pdbx_seq_one_letter_code
;MQPWRRKFPLFETGVTMKQRKNSNLSIFVVVFSVFLFGIFMYNEDVKSIAEFPFSTSKPHDVHDEATPITEITTLPVQES
IKNSDPIQESIKNADSVQDSVKDVAEPVQEEVSKTEEVKKIELFAATEDEEDVELPPEECDLFTGEWVFDNETHPLYKED
QCEFLTAQVTCMRNGRRDSLYQNWRWQPRDCSLPKFKAKLLLEKLRNKRMMFVGDSLNRNQWESMVCLVQSVVPPGRKSL
NKTGSLSVFRVEDYNATVEFYWAPFLVESNSDDPNMHSILNRIIMPESIEKHGVNWKGVDFLVFNTYIWWMNTFAMKVLR
GSFDKGDTEYEEIERPVAYRRVMRTWGDWVERNIDPLRTTVFFASMSPLHIKSLDWENPDGIKCALETTPILNMSMPFSV
GTDYRLFSVAENVTHSLNVPVYFLNITKLSEYRKDAHTSVHTIRQGKMLTPEQQADPNTYADCIHWCLPGLPDTWNEFLY
TRIISRS
;
_entity_poly.pdbx_strand_id   A
#
loop_
_chem_comp.id
_chem_comp.type
_chem_comp.name
_chem_comp.formula
CA non-polymer 'CALCIUM ION' 'Ca 2'
CO non-polymer 'COBALT (II) ION' 'Co 2'
NAG D-saccharide, beta linking 2-acetamido-2-deoxy-beta-D-glucopyranose 'C8 H15 N O6'
#
# COMPACT_ATOMS: atom_id res chain seq x y z
N VAL A 133 -4.57 -19.54 -17.89
CA VAL A 133 -5.00 -18.39 -17.03
C VAL A 133 -6.39 -17.88 -17.44
N GLU A 134 -7.27 -17.70 -16.47
CA GLU A 134 -8.66 -17.32 -16.73
C GLU A 134 -8.95 -15.83 -16.34
N LEU A 135 -9.05 -14.94 -17.33
CA LEU A 135 -9.26 -13.51 -17.06
C LEU A 135 -10.70 -13.23 -16.65
N PRO A 136 -10.90 -12.42 -15.57
CA PRO A 136 -12.30 -12.14 -15.19
C PRO A 136 -12.99 -11.27 -16.21
N PRO A 137 -14.31 -11.33 -16.24
CA PRO A 137 -15.09 -10.32 -16.97
C PRO A 137 -14.84 -8.90 -16.50
N GLU A 138 -14.83 -8.01 -17.47
CA GLU A 138 -14.53 -6.62 -17.22
C GLU A 138 -15.39 -6.04 -16.13
N GLU A 139 -16.64 -6.49 -16.06
CA GLU A 139 -17.64 -5.99 -15.15
C GLU A 139 -17.60 -6.70 -13.76
N CYS A 140 -16.79 -7.75 -13.56
CA CYS A 140 -16.74 -8.38 -12.25
C CYS A 140 -16.13 -7.37 -11.24
N ASP A 141 -16.84 -7.11 -10.16
CA ASP A 141 -16.27 -6.29 -9.09
C ASP A 141 -15.26 -7.12 -8.28
N LEU A 142 -13.97 -6.83 -8.46
CA LEU A 142 -12.90 -7.62 -7.76
C LEU A 142 -12.88 -7.42 -6.28
N PHE A 143 -13.50 -6.37 -5.78
CA PHE A 143 -13.34 -5.95 -4.36
C PHE A 143 -14.48 -6.26 -3.45
N THR A 144 -15.53 -6.87 -3.98
CA THR A 144 -16.62 -7.45 -3.23
C THR A 144 -16.36 -8.99 -3.28
N GLY A 145 -16.42 -9.62 -2.14
CA GLY A 145 -16.20 -11.06 -2.02
C GLY A 145 -15.97 -11.46 -0.58
N GLU A 146 -15.13 -12.47 -0.36
CA GLU A 146 -14.77 -12.96 0.96
C GLU A 146 -13.34 -13.61 0.93
N TRP A 147 -12.75 -13.70 2.11
CA TRP A 147 -11.49 -14.35 2.35
C TRP A 147 -11.78 -15.86 2.44
N VAL A 148 -10.92 -16.62 1.76
CA VAL A 148 -11.00 -18.06 1.74
C VAL A 148 -9.66 -18.62 2.13
N PHE A 149 -9.67 -19.66 2.95
CA PHE A 149 -8.42 -20.29 3.36
C PHE A 149 -7.94 -21.18 2.24
N ASP A 150 -6.66 -21.02 1.83
CA ASP A 150 -6.11 -21.88 0.74
C ASP A 150 -4.63 -22.01 0.80
N ASN A 151 -4.20 -23.01 1.56
CA ASN A 151 -2.78 -23.21 1.76
C ASN A 151 -2.12 -23.97 0.62
N GLU A 152 -2.88 -24.32 -0.41
CA GLU A 152 -2.34 -24.89 -1.65
C GLU A 152 -1.79 -23.83 -2.61
N THR A 153 -2.32 -22.62 -2.52
CA THR A 153 -1.84 -21.55 -3.37
C THR A 153 -1.25 -20.39 -2.65
N HIS A 154 -1.63 -20.14 -1.41
CA HIS A 154 -1.14 -18.93 -0.74
C HIS A 154 -0.40 -19.38 0.50
N PRO A 155 0.70 -18.70 0.86
CA PRO A 155 1.21 -17.46 0.20
C PRO A 155 1.86 -17.70 -1.16
N LEU A 156 1.88 -16.64 -1.98
CA LEU A 156 2.41 -16.68 -3.32
C LEU A 156 3.96 -16.81 -3.36
N TYR A 157 4.62 -16.52 -2.23
CA TYR A 157 6.07 -16.78 -2.05
C TYR A 157 6.24 -16.98 -0.55
N LYS A 158 7.36 -17.56 -0.14
CA LYS A 158 7.76 -17.62 1.25
C LYS A 158 8.74 -16.50 1.60
N GLU A 159 8.68 -16.08 2.85
CA GLU A 159 9.52 -15.01 3.34
C GLU A 159 10.98 -15.22 3.04
N ASP A 160 11.48 -16.43 3.24
N ASP A 160 11.49 -16.41 3.31
CA ASP A 160 12.90 -16.71 2.99
CA ASP A 160 12.92 -16.66 3.15
C ASP A 160 13.28 -16.68 1.51
C ASP A 160 13.33 -16.95 1.70
N GLN A 161 12.33 -16.93 0.64
N GLN A 161 12.41 -16.83 0.75
CA GLN A 161 12.63 -16.95 -0.83
CA GLN A 161 12.83 -16.92 -0.67
C GLN A 161 12.95 -15.56 -1.38
C GLN A 161 12.85 -15.59 -1.39
N CYS A 162 12.60 -14.51 -0.64
CA CYS A 162 12.71 -13.14 -1.11
C CYS A 162 13.70 -12.37 -0.32
N GLU A 163 14.89 -12.28 -0.87
CA GLU A 163 16.06 -11.71 -0.22
C GLU A 163 15.91 -10.18 -0.12
N PHE A 164 15.01 -9.57 -0.92
CA PHE A 164 14.78 -8.14 -0.93
C PHE A 164 13.93 -7.61 0.21
N LEU A 165 13.12 -8.48 0.84
CA LEU A 165 12.30 -8.04 2.01
C LEU A 165 13.09 -7.34 3.07
N THR A 166 12.64 -6.20 3.48
CA THR A 166 13.30 -5.47 4.54
C THR A 166 12.87 -6.03 5.90
N ALA A 167 13.70 -5.73 6.90
CA ALA A 167 13.46 -6.20 8.26
C ALA A 167 12.16 -5.74 8.87
N GLN A 168 11.55 -4.71 8.33
CA GLN A 168 10.29 -4.27 8.87
C GLN A 168 9.21 -5.35 8.71
N VAL A 169 9.25 -6.09 7.62
CA VAL A 169 8.13 -6.89 7.19
C VAL A 169 8.34 -8.39 7.22
N THR A 170 9.54 -8.85 7.60
CA THR A 170 9.83 -10.25 7.68
C THR A 170 9.38 -10.80 9.05
N CYS A 171 8.09 -11.07 9.22
CA CYS A 171 7.55 -11.29 10.54
C CYS A 171 8.08 -12.61 11.16
N MET A 172 8.25 -13.60 10.33
CA MET A 172 8.60 -14.92 10.82
C MET A 172 10.05 -14.88 11.32
N ARG A 173 10.95 -14.29 10.51
CA ARG A 173 12.35 -14.14 10.92
C ARG A 173 12.42 -13.33 12.21
N ASN A 174 11.52 -12.34 12.30
CA ASN A 174 11.41 -11.45 13.47
C ASN A 174 10.75 -12.07 14.71
N GLY A 175 10.37 -13.36 14.63
CA GLY A 175 9.89 -14.11 15.77
C GLY A 175 8.45 -14.61 15.75
N ARG A 176 7.64 -14.18 14.78
CA ARG A 176 6.23 -14.65 14.73
C ARG A 176 6.26 -16.16 14.49
N ARG A 177 5.39 -16.94 15.15
N ARG A 177 5.39 -16.91 15.17
CA ARG A 177 5.40 -18.38 14.92
CA ARG A 177 5.36 -18.36 15.06
C ARG A 177 4.19 -18.96 14.27
C ARG A 177 4.20 -18.92 14.23
N ASP A 178 3.05 -18.27 14.32
CA ASP A 178 1.86 -18.70 13.59
C ASP A 178 1.99 -18.21 12.18
N SER A 179 1.59 -19.04 11.21
CA SER A 179 1.71 -18.62 9.80
C SER A 179 0.37 -18.81 9.00
N LEU A 180 -0.73 -19.06 9.69
CA LEU A 180 -2.02 -19.23 9.01
C LEU A 180 -2.49 -17.94 8.30
N TYR A 181 -2.08 -16.78 8.78
CA TYR A 181 -2.29 -15.51 8.10
C TYR A 181 -1.80 -15.49 6.66
N GLN A 182 -0.70 -16.22 6.36
CA GLN A 182 -0.19 -16.35 4.99
C GLN A 182 -1.05 -17.13 4.01
N ASN A 183 -2.02 -17.90 4.48
CA ASN A 183 -2.69 -18.88 3.67
C ASN A 183 -4.03 -18.39 3.08
N TRP A 184 -4.35 -17.12 3.24
CA TRP A 184 -5.72 -16.63 2.91
C TRP A 184 -5.68 -16.03 1.49
N ARG A 185 -6.73 -16.30 0.67
CA ARG A 185 -6.84 -15.67 -0.64
C ARG A 185 -8.18 -14.91 -0.68
N TRP A 186 -8.26 -13.84 -1.45
CA TRP A 186 -9.47 -13.07 -1.55
C TRP A 186 -10.27 -13.54 -2.76
N GLN A 187 -11.58 -13.90 -2.57
CA GLN A 187 -12.35 -14.54 -3.65
C GLN A 187 -13.46 -13.56 -4.00
N PRO A 188 -13.38 -12.89 -5.16
CA PRO A 188 -14.44 -11.98 -5.47
C PRO A 188 -15.77 -12.75 -5.56
N ARG A 189 -16.87 -12.02 -5.40
N ARG A 189 -16.87 -12.03 -5.40
CA ARG A 189 -18.19 -12.63 -5.38
CA ARG A 189 -18.20 -12.62 -5.38
C ARG A 189 -18.56 -13.30 -6.70
C ARG A 189 -18.56 -13.30 -6.70
N ASP A 190 -18.31 -12.63 -7.82
CA ASP A 190 -18.76 -13.06 -9.15
C ASP A 190 -17.68 -13.63 -10.07
N CYS A 191 -16.44 -13.75 -9.61
CA CYS A 191 -15.39 -14.27 -10.43
C CYS A 191 -14.21 -14.65 -9.58
N SER A 192 -13.29 -15.35 -10.18
CA SER A 192 -12.00 -15.70 -9.49
C SER A 192 -10.92 -14.74 -9.99
N LEU A 193 -9.96 -14.43 -9.13
CA LEU A 193 -8.75 -13.80 -9.54
C LEU A 193 -7.98 -14.82 -10.40
N PRO A 194 -7.37 -14.34 -11.47
CA PRO A 194 -6.64 -15.27 -12.27
C PRO A 194 -5.35 -15.75 -11.57
N LYS A 195 -5.03 -17.01 -11.74
CA LYS A 195 -3.78 -17.58 -11.19
C LYS A 195 -2.58 -16.63 -11.53
N PHE A 196 -1.87 -16.21 -10.48
CA PHE A 196 -0.69 -15.40 -10.58
C PHE A 196 0.45 -16.15 -11.24
N LYS A 197 0.89 -15.64 -12.40
CA LYS A 197 2.12 -16.13 -13.09
C LYS A 197 3.03 -14.95 -13.32
N ALA A 198 4.14 -14.90 -12.57
CA ALA A 198 5.03 -13.76 -12.61
C ALA A 198 5.54 -13.53 -14.05
N LYS A 199 5.80 -14.61 -14.80
CA LYS A 199 6.23 -14.44 -16.20
C LYS A 199 5.28 -13.64 -17.09
N LEU A 200 3.98 -13.85 -16.91
CA LEU A 200 3.00 -13.07 -17.63
C LEU A 200 3.05 -11.61 -17.31
N LEU A 201 3.19 -11.32 -16.01
CA LEU A 201 3.36 -9.93 -15.58
C LEU A 201 4.64 -9.28 -16.12
N LEU A 202 5.73 -10.00 -16.04
CA LEU A 202 6.99 -9.49 -16.50
C LEU A 202 6.95 -9.24 -18.02
N GLU A 203 6.25 -10.08 -18.78
CA GLU A 203 6.04 -9.80 -20.23
C GLU A 203 5.31 -8.48 -20.44
N LYS A 204 4.27 -8.19 -19.64
CA LYS A 204 3.60 -6.85 -19.69
C LYS A 204 4.50 -5.72 -19.24
N LEU A 205 5.52 -6.06 -18.44
CA LEU A 205 6.46 -5.07 -17.99
C LEU A 205 7.70 -4.93 -18.86
N ARG A 206 7.82 -5.69 -19.96
CA ARG A 206 9.06 -5.69 -20.73
C ARG A 206 9.30 -4.28 -21.21
N ASN A 207 10.50 -3.75 -20.99
CA ASN A 207 10.87 -2.39 -21.40
C ASN A 207 10.02 -1.32 -20.73
N LYS A 208 9.47 -1.63 -19.55
CA LYS A 208 8.51 -0.70 -18.91
C LYS A 208 8.84 -0.47 -17.45
N ARG A 209 8.24 0.58 -16.90
CA ARG A 209 8.40 0.99 -15.52
C ARG A 209 7.02 0.93 -14.78
N MET A 210 7.03 0.27 -13.61
CA MET A 210 5.91 0.33 -12.68
C MET A 210 6.38 1.12 -11.46
N MET A 211 5.67 2.15 -11.07
CA MET A 211 6.06 2.94 -9.89
C MET A 211 4.92 3.15 -8.91
N PHE A 212 5.17 2.74 -7.68
CA PHE A 212 4.33 3.03 -6.57
C PHE A 212 4.72 4.39 -5.99
N VAL A 213 3.75 5.28 -5.78
CA VAL A 213 4.03 6.65 -5.33
C VAL A 213 3.20 6.85 -4.10
N GLY A 214 3.81 7.22 -3.00
CA GLY A 214 3.06 7.57 -1.79
C GLY A 214 3.78 7.32 -0.50
N ASP A 215 3.06 6.68 0.43
CA ASP A 215 3.48 6.57 1.82
C ASP A 215 4.07 5.20 2.14
N SER A 216 4.36 4.96 3.41
CA SER A 216 4.93 3.68 3.82
C SER A 216 4.05 2.44 3.56
N LEU A 217 2.73 2.59 3.36
CA LEU A 217 1.89 1.47 3.00
C LEU A 217 2.03 1.18 1.50
N ASN A 218 2.30 2.21 0.68
CA ASN A 218 2.55 1.93 -0.71
C ASN A 218 3.93 1.31 -0.82
N ARG A 219 4.85 1.65 0.07
CA ARG A 219 6.18 1.03 0.10
C ARG A 219 6.06 -0.45 0.47
N ASN A 220 5.18 -0.74 1.43
CA ASN A 220 4.81 -2.15 1.77
C ASN A 220 4.25 -2.94 0.55
N GLN A 221 3.37 -2.28 -0.21
CA GLN A 221 2.86 -2.86 -1.44
C GLN A 221 3.98 -3.03 -2.49
N TRP A 222 4.90 -2.07 -2.61
CA TRP A 222 5.99 -2.19 -3.56
C TRP A 222 6.86 -3.42 -3.17
N GLU A 223 7.21 -3.53 -1.88
CA GLU A 223 8.05 -4.67 -1.47
C GLU A 223 7.40 -5.98 -1.88
N SER A 224 6.05 -6.08 -1.73
CA SER A 224 5.30 -7.27 -2.09
C SER A 224 5.44 -7.56 -3.64
N MET A 225 5.32 -6.50 -4.43
CA MET A 225 5.38 -6.65 -5.87
C MET A 225 6.76 -7.11 -6.27
N VAL A 226 7.76 -6.57 -5.60
CA VAL A 226 9.12 -6.99 -5.86
C VAL A 226 9.24 -8.52 -5.63
N CYS A 227 8.73 -9.00 -4.49
CA CYS A 227 8.77 -10.44 -4.20
C CYS A 227 8.03 -11.26 -5.22
N LEU A 228 6.86 -10.76 -5.59
CA LEU A 228 6.03 -11.45 -6.57
C LEU A 228 6.72 -11.62 -7.92
N VAL A 229 7.32 -10.57 -8.47
CA VAL A 229 8.00 -10.74 -9.74
C VAL A 229 9.35 -11.45 -9.64
N GLN A 230 10.12 -11.18 -8.57
CA GLN A 230 11.50 -11.73 -8.42
C GLN A 230 11.46 -13.24 -8.20
N SER A 231 10.29 -13.82 -7.91
CA SER A 231 10.11 -15.25 -7.61
C SER A 231 10.57 -16.18 -8.74
N VAL A 232 10.57 -15.67 -9.96
CA VAL A 232 10.99 -16.46 -11.13
C VAL A 232 12.27 -15.91 -11.81
N VAL A 233 12.92 -14.90 -11.21
CA VAL A 233 14.07 -14.20 -11.85
C VAL A 233 15.34 -14.79 -11.24
N PRO A 234 16.30 -15.18 -12.09
CA PRO A 234 17.43 -15.91 -11.52
C PRO A 234 18.37 -14.96 -10.79
N PRO A 235 19.22 -15.51 -9.91
CA PRO A 235 20.19 -14.66 -9.24
C PRO A 235 21.02 -13.95 -10.25
N GLY A 236 21.50 -12.77 -9.91
CA GLY A 236 22.28 -11.93 -10.75
C GLY A 236 21.56 -11.13 -11.78
N ARG A 237 20.28 -11.42 -12.01
CA ARG A 237 19.54 -10.76 -13.11
C ARG A 237 18.51 -9.81 -12.54
N LYS A 238 18.83 -9.27 -11.37
CA LYS A 238 17.93 -8.45 -10.60
C LYS A 238 18.73 -7.67 -9.63
N SER A 239 18.22 -6.48 -9.25
CA SER A 239 18.96 -5.62 -8.33
C SER A 239 18.07 -4.55 -7.79
N LEU A 240 18.40 -4.06 -6.60
CA LEU A 240 17.71 -2.95 -6.01
C LEU A 240 18.66 -1.80 -5.86
N ASN A 241 18.23 -0.59 -6.17
CA ASN A 241 19.06 0.63 -6.00
C ASN A 241 18.18 1.76 -5.44
N LYS A 242 18.51 2.31 -4.27
CA LYS A 242 17.73 3.42 -3.70
C LYS A 242 18.57 4.69 -3.77
N THR A 243 17.99 5.67 -4.44
CA THR A 243 18.66 6.95 -4.64
C THR A 243 17.70 8.02 -4.20
N GLY A 244 17.91 8.50 -2.99
CA GLY A 244 17.08 9.56 -2.42
C GLY A 244 15.67 9.06 -2.21
N SER A 245 14.70 9.71 -2.84
CA SER A 245 13.29 9.38 -2.69
C SER A 245 12.87 8.15 -3.50
N LEU A 246 13.74 7.72 -4.42
CA LEU A 246 13.33 6.71 -5.40
C LEU A 246 14.00 5.40 -5.10
N SER A 247 13.20 4.36 -4.92
CA SER A 247 13.77 2.98 -4.89
C SER A 247 13.49 2.27 -6.23
N VAL A 248 14.51 1.66 -6.84
CA VAL A 248 14.36 0.97 -8.10
C VAL A 248 14.73 -0.51 -8.03
N PHE A 249 13.77 -1.39 -8.32
CA PHE A 249 14.06 -2.82 -8.44
C PHE A 249 14.03 -3.10 -9.92
N ARG A 250 15.13 -3.65 -10.42
CA ARG A 250 15.31 -3.97 -11.89
C ARG A 250 15.26 -5.44 -12.11
N VAL A 251 14.60 -5.86 -13.21
CA VAL A 251 14.64 -7.21 -13.71
C VAL A 251 15.33 -7.11 -15.05
N GLU A 252 16.59 -7.59 -15.08
CA GLU A 252 17.49 -7.34 -16.23
C GLU A 252 17.06 -7.91 -17.51
N ASP A 253 16.58 -9.15 -17.52
CA ASP A 253 16.27 -9.86 -18.78
C ASP A 253 15.03 -9.26 -19.48
N TYR A 254 14.17 -8.68 -18.70
CA TYR A 254 12.95 -8.05 -19.23
C TYR A 254 13.08 -6.56 -19.43
N ASN A 255 14.19 -5.97 -19.02
CA ASN A 255 14.36 -4.56 -18.91
C ASN A 255 13.13 -3.92 -18.23
N ALA A 256 12.74 -4.51 -17.09
CA ALA A 256 11.51 -4.15 -16.34
C ALA A 256 11.93 -3.55 -15.04
N THR A 257 11.21 -2.53 -14.60
CA THR A 257 11.41 -2.00 -13.21
C THR A 257 10.11 -1.91 -12.37
N VAL A 258 10.28 -2.07 -11.06
CA VAL A 258 9.19 -1.99 -10.04
C VAL A 258 9.78 -1.03 -9.04
N GLU A 259 9.18 0.16 -8.97
CA GLU A 259 9.78 1.29 -8.28
C GLU A 259 8.90 1.82 -7.16
N PHE A 260 9.53 2.48 -6.17
CA PHE A 260 8.80 3.18 -5.15
C PHE A 260 9.33 4.59 -5.02
N TYR A 261 8.44 5.55 -5.14
CA TYR A 261 8.69 6.98 -4.93
C TYR A 261 8.02 7.54 -3.64
N TRP A 262 8.82 7.97 -2.69
CA TRP A 262 8.32 8.57 -1.46
C TRP A 262 7.69 9.93 -1.62
N ALA A 263 6.36 9.99 -1.47
CA ALA A 263 5.61 11.23 -1.45
C ALA A 263 4.37 10.99 -0.61
N PRO A 264 4.53 11.03 0.69
CA PRO A 264 3.50 10.54 1.59
C PRO A 264 2.16 11.25 1.59
N PHE A 265 2.17 12.52 1.14
CA PHE A 265 1.01 13.32 0.95
C PHE A 265 0.73 13.61 -0.55
N LEU A 266 1.52 13.01 -1.45
CA LEU A 266 1.51 13.25 -2.86
C LEU A 266 2.05 14.63 -3.30
N VAL A 267 1.46 15.67 -2.76
CA VAL A 267 1.94 17.04 -2.93
C VAL A 267 3.20 17.27 -2.11
N GLU A 268 3.77 18.44 -2.34
CA GLU A 268 4.92 18.88 -1.62
C GLU A 268 4.58 19.09 -0.14
N SER A 269 5.49 18.61 0.71
CA SER A 269 5.31 18.64 2.17
C SER A 269 6.65 18.84 2.79
N ASN A 270 6.64 19.10 4.09
CA ASN A 270 7.91 19.09 4.85
C ASN A 270 8.37 17.70 5.32
N SER A 271 7.77 16.65 4.75
CA SER A 271 8.11 15.29 5.16
C SER A 271 8.48 14.40 3.96
N ASP A 272 9.06 15.01 2.93
CA ASP A 272 9.30 14.30 1.66
C ASP A 272 10.63 13.61 1.54
N ASP A 273 11.39 13.57 2.63
CA ASP A 273 12.60 12.79 2.65
C ASP A 273 12.27 11.55 3.46
N PRO A 274 12.38 10.36 2.84
CA PRO A 274 12.01 9.10 3.52
C PRO A 274 12.95 8.72 4.67
N ASN A 275 14.10 9.35 4.74
CA ASN A 275 15.09 9.01 5.77
C ASN A 275 15.17 10.05 6.91
N MET A 276 14.23 11.02 6.87
CA MET A 276 14.14 12.07 7.90
C MET A 276 13.46 11.35 9.05
N HIS A 277 13.89 11.62 10.27
CA HIS A 277 13.23 11.01 11.44
C HIS A 277 11.95 11.77 11.74
N SER A 278 11.19 11.25 12.70
CA SER A 278 9.87 11.74 13.04
C SER A 278 9.85 13.24 13.34
N ILE A 279 8.83 13.93 12.83
CA ILE A 279 8.48 15.26 13.37
C ILE A 279 7.01 15.30 13.72
N LEU A 280 6.71 16.17 14.67
CA LEU A 280 5.36 16.26 15.19
C LEU A 280 4.48 17.08 14.26
N ASN A 281 5.07 18.00 13.51
CA ASN A 281 4.26 18.96 12.77
C ASN A 281 4.57 18.78 11.30
N ARG A 282 3.71 17.98 10.69
CA ARG A 282 3.73 17.76 9.26
C ARG A 282 2.85 18.83 8.58
N ILE A 283 3.37 19.39 7.48
CA ILE A 283 2.80 20.53 6.78
C ILE A 283 2.82 20.28 5.29
N ILE A 284 1.71 20.59 4.63
CA ILE A 284 1.63 20.33 3.20
C ILE A 284 1.31 21.60 2.42
N MET A 285 1.53 21.51 1.12
CA MET A 285 1.30 22.60 0.15
C MET A 285 0.34 22.01 -0.86
N PRO A 286 -0.96 22.17 -0.66
CA PRO A 286 -1.95 21.38 -1.40
C PRO A 286 -2.12 21.62 -2.88
N GLU A 287 -1.54 22.73 -3.36
CA GLU A 287 -1.57 23.08 -4.75
C GLU A 287 -0.22 22.90 -5.44
N SER A 288 0.77 22.32 -4.75
CA SER A 288 2.10 22.13 -5.33
C SER A 288 2.40 20.63 -5.57
N ILE A 289 2.52 20.25 -6.84
CA ILE A 289 2.87 18.86 -7.16
C ILE A 289 3.84 18.71 -8.35
N GLU A 290 4.23 19.83 -8.96
CA GLU A 290 5.01 19.76 -10.19
C GLU A 290 6.40 19.12 -10.00
N LYS A 291 7.07 19.46 -8.89
CA LYS A 291 8.41 18.95 -8.60
C LYS A 291 8.40 17.47 -8.36
N HIS A 292 7.33 16.98 -7.73
CA HIS A 292 7.24 15.52 -7.55
C HIS A 292 6.93 14.86 -8.90
N GLY A 293 5.97 15.46 -9.60
CA GLY A 293 5.46 14.95 -10.88
C GLY A 293 6.51 14.77 -11.96
N VAL A 294 7.59 15.54 -11.93
CA VAL A 294 8.71 15.33 -12.86
C VAL A 294 9.25 13.88 -12.80
N ASN A 295 9.28 13.32 -11.60
CA ASN A 295 9.70 11.95 -11.37
C ASN A 295 8.69 10.85 -11.86
N TRP A 296 7.46 11.23 -12.13
CA TRP A 296 6.40 10.33 -12.48
C TRP A 296 6.12 10.22 -13.97
N LYS A 297 6.75 11.11 -14.74
CA LYS A 297 6.49 11.16 -16.18
C LYS A 297 7.22 10.06 -16.86
N GLY A 298 6.58 9.53 -17.89
CA GLY A 298 7.14 8.47 -18.66
C GLY A 298 6.95 7.09 -18.07
N VAL A 299 6.49 7.03 -16.82
CA VAL A 299 6.20 5.71 -16.19
C VAL A 299 4.97 5.03 -16.79
N ASP A 300 5.06 3.71 -17.03
CA ASP A 300 4.01 2.93 -17.70
C ASP A 300 2.82 2.50 -16.85
N PHE A 301 3.10 2.24 -15.57
CA PHE A 301 2.15 1.84 -14.56
C PHE A 301 2.44 2.66 -13.31
N LEU A 302 1.46 3.43 -12.92
CA LEU A 302 1.54 4.30 -11.77
C LEU A 302 0.48 3.90 -10.74
N VAL A 303 0.92 3.71 -9.47
CA VAL A 303 0.01 3.32 -8.37
C VAL A 303 0.23 4.35 -7.29
N PHE A 304 -0.77 5.20 -7.10
CA PHE A 304 -0.71 6.24 -6.11
C PHE A 304 -1.49 5.86 -4.85
N ASN A 305 -1.11 6.44 -3.71
CA ASN A 305 -1.88 6.32 -2.49
C ASN A 305 -1.56 7.47 -1.62
N THR A 306 -2.34 7.64 -0.55
CA THR A 306 -1.97 8.56 0.53
C THR A 306 -3.06 8.51 1.57
N TYR A 307 -2.70 8.12 2.78
CA TYR A 307 -3.68 8.07 3.91
C TYR A 307 -3.14 8.25 5.31
N ILE A 308 -2.26 7.37 5.70
CA ILE A 308 -1.88 7.17 7.12
C ILE A 308 -1.38 8.48 7.80
N TRP A 309 -0.60 9.29 7.11
CA TRP A 309 -0.18 10.54 7.70
C TRP A 309 -1.20 11.65 7.74
N TRP A 310 -2.38 11.39 7.20
CA TRP A 310 -3.52 12.27 7.37
C TRP A 310 -4.23 12.11 8.72
N MET A 311 -3.98 10.99 9.36
CA MET A 311 -4.70 10.53 10.51
C MET A 311 -4.08 10.89 11.88
N ASN A 312 -2.90 11.53 11.89
N ASN A 312 -2.90 11.52 11.90
CA ASN A 312 -2.23 11.82 13.14
CA ASN A 312 -2.21 11.78 13.14
C ASN A 312 -2.85 12.91 13.97
C ASN A 312 -2.81 12.92 13.96
N THR A 313 -3.54 13.83 13.29
CA THR A 313 -4.15 14.99 13.93
C THR A 313 -5.53 15.18 13.39
N PHE A 314 -6.33 15.91 14.14
CA PHE A 314 -7.71 16.13 13.77
C PHE A 314 -7.85 16.93 12.44
N ALA A 315 -7.00 17.95 12.27
CA ALA A 315 -6.96 18.80 11.09
C ALA A 315 -5.58 18.77 10.43
N MET A 316 -5.50 19.33 9.24
CA MET A 316 -4.29 19.31 8.50
C MET A 316 -3.62 20.66 8.44
N LYS A 317 -2.30 20.64 8.56
CA LYS A 317 -1.48 21.88 8.53
C LYS A 317 -1.08 22.25 7.13
N VAL A 318 -1.56 23.42 6.68
CA VAL A 318 -1.47 23.81 5.30
C VAL A 318 -0.69 25.12 5.22
N LEU A 319 0.48 25.06 4.57
CA LEU A 319 1.36 26.20 4.39
C LEU A 319 0.68 27.30 3.60
N ARG A 320 0.98 28.54 3.99
CA ARG A 320 0.41 29.68 3.27
C ARG A 320 1.13 29.90 1.97
N GLY A 321 2.45 30.06 2.02
CA GLY A 321 3.26 30.26 0.81
C GLY A 321 3.98 29.02 0.30
N SER A 322 5.31 29.06 0.25
CA SER A 322 6.13 27.99 -0.31
C SER A 322 7.34 27.68 0.52
N PHE A 323 7.66 26.38 0.70
CA PHE A 323 8.78 25.98 1.47
C PHE A 323 10.07 26.64 0.96
N ASP A 324 10.27 26.55 -0.35
CA ASP A 324 11.43 27.11 -1.07
C ASP A 324 11.61 28.64 -0.95
N LYS A 325 10.56 29.37 -0.63
CA LYS A 325 10.70 30.81 -0.31
C LYS A 325 10.96 31.04 1.19
N GLY A 326 11.32 30.00 1.92
CA GLY A 326 11.43 30.06 3.37
C GLY A 326 10.14 30.35 4.15
N ASP A 327 8.95 30.29 3.55
CA ASP A 327 7.72 30.56 4.30
C ASP A 327 7.49 29.48 5.36
N THR A 328 6.92 29.90 6.51
CA THR A 328 6.68 29.03 7.66
C THR A 328 5.24 29.01 8.18
N GLU A 329 4.48 30.07 7.87
CA GLU A 329 3.13 30.22 8.34
C GLU A 329 2.23 29.19 7.70
N TYR A 330 1.38 28.59 8.51
CA TYR A 330 0.39 27.59 8.09
C TYR A 330 -0.90 27.84 8.82
N GLU A 331 -1.99 27.35 8.24
CA GLU A 331 -3.27 27.32 8.92
C GLU A 331 -3.76 25.88 8.95
N GLU A 332 -4.71 25.61 9.81
CA GLU A 332 -5.25 24.26 9.97
C GLU A 332 -6.56 24.09 9.27
N ILE A 333 -6.59 23.12 8.36
CA ILE A 333 -7.69 22.93 7.45
C ILE A 333 -8.30 21.59 7.79
N GLU A 334 -9.60 21.52 7.65
CA GLU A 334 -10.36 20.32 7.98
C GLU A 334 -9.87 19.17 7.12
N ARG A 335 -9.76 17.98 7.71
CA ARG A 335 -9.04 16.90 7.06
C ARG A 335 -9.59 16.61 5.68
N PRO A 336 -10.91 16.49 5.52
CA PRO A 336 -11.39 16.14 4.16
C PRO A 336 -11.31 17.23 3.11
N VAL A 337 -11.27 18.46 3.60
CA VAL A 337 -11.16 19.65 2.73
C VAL A 337 -9.74 19.71 2.21
N ALA A 338 -8.78 19.49 3.08
CA ALA A 338 -7.40 19.48 2.62
C ALA A 338 -7.12 18.28 1.72
N TYR A 339 -7.73 17.15 2.01
CA TYR A 339 -7.63 15.96 1.13
C TYR A 339 -8.15 16.19 -0.32
N ARG A 340 -9.32 16.79 -0.41
N ARG A 340 -9.33 16.79 -0.40
CA ARG A 340 -9.94 17.16 -1.68
CA ARG A 340 -9.95 17.17 -1.68
C ARG A 340 -9.04 18.10 -2.45
C ARG A 340 -9.04 18.11 -2.45
N ARG A 341 -8.41 19.07 -1.75
CA ARG A 341 -7.45 19.99 -2.40
C ARG A 341 -6.24 19.24 -3.00
N VAL A 342 -5.68 18.38 -2.19
CA VAL A 342 -4.62 17.47 -2.66
C VAL A 342 -5.09 16.59 -3.87
N MET A 343 -6.18 15.92 -3.72
CA MET A 343 -6.67 15.06 -4.80
C MET A 343 -6.96 15.88 -6.11
N ARG A 344 -7.40 17.12 -5.97
CA ARG A 344 -7.64 17.95 -7.17
C ARG A 344 -6.34 18.35 -7.85
N THR A 345 -5.33 18.72 -7.06
CA THR A 345 -4.01 19.00 -7.65
C THR A 345 -3.45 17.77 -8.35
N TRP A 346 -3.59 16.61 -7.68
CA TRP A 346 -3.08 15.39 -8.25
C TRP A 346 -3.83 15.05 -9.57
N GLY A 347 -5.14 15.12 -9.53
CA GLY A 347 -5.98 14.80 -10.71
C GLY A 347 -5.64 15.69 -11.90
N ASP A 348 -5.46 16.97 -11.61
CA ASP A 348 -5.09 17.90 -12.65
C ASP A 348 -3.74 17.54 -13.19
N TRP A 349 -2.82 17.21 -12.30
CA TRP A 349 -1.50 16.80 -12.81
C TRP A 349 -1.63 15.61 -13.79
N VAL A 350 -2.43 14.64 -13.36
CA VAL A 350 -2.66 13.45 -14.17
C VAL A 350 -3.25 13.80 -15.53
N GLU A 351 -4.34 14.58 -15.52
CA GLU A 351 -4.97 14.99 -16.75
C GLU A 351 -4.05 15.71 -17.69
N ARG A 352 -3.08 16.47 -17.17
CA ARG A 352 -2.18 17.23 -18.03
C ARG A 352 -1.07 16.38 -18.58
N ASN A 353 -0.62 15.39 -17.80
CA ASN A 353 0.63 14.78 -18.04
C ASN A 353 0.57 13.33 -18.50
N ILE A 354 -0.58 12.66 -18.35
CA ILE A 354 -0.65 11.23 -18.64
C ILE A 354 -1.31 10.96 -19.97
N ASP A 355 -0.61 10.23 -20.84
CA ASP A 355 -1.23 9.61 -21.99
C ASP A 355 -1.85 8.23 -21.64
N PRO A 356 -3.19 8.13 -21.55
CA PRO A 356 -3.90 6.87 -21.33
C PRO A 356 -3.45 5.65 -22.13
N LEU A 357 -2.94 5.89 -23.31
CA LEU A 357 -2.50 4.79 -24.15
C LEU A 357 -1.10 4.29 -23.79
N ARG A 358 -0.26 5.15 -23.20
CA ARG A 358 1.05 4.74 -22.74
C ARG A 358 0.97 4.24 -21.27
N THR A 359 0.19 4.94 -20.44
CA THR A 359 0.29 4.78 -19.00
C THR A 359 -1.02 4.35 -18.41
N THR A 360 -0.99 3.39 -17.48
CA THR A 360 -2.18 2.97 -16.77
C THR A 360 -1.98 3.51 -15.37
N VAL A 361 -3.01 4.20 -14.84
CA VAL A 361 -2.95 4.83 -13.54
C VAL A 361 -3.89 4.10 -12.59
N PHE A 362 -3.38 3.83 -11.38
CA PHE A 362 -4.13 3.19 -10.29
C PHE A 362 -4.08 4.06 -9.07
N PHE A 363 -5.09 3.96 -8.23
CA PHE A 363 -5.11 4.63 -6.92
C PHE A 363 -5.54 3.60 -5.89
N ALA A 364 -4.64 3.33 -4.96
CA ALA A 364 -4.89 2.37 -3.86
C ALA A 364 -5.58 3.09 -2.71
N SER A 365 -6.76 2.64 -2.41
CA SER A 365 -7.58 3.16 -1.30
C SER A 365 -6.93 2.89 0.08
N MET A 366 -7.52 3.51 1.08
CA MET A 366 -7.03 3.54 2.46
C MET A 366 -6.70 2.18 3.04
N SER A 367 -5.45 1.99 3.46
CA SER A 367 -5.06 0.76 4.22
C SER A 367 -5.44 0.96 5.68
N PRO A 368 -6.21 0.05 6.24
CA PRO A 368 -6.72 0.30 7.58
C PRO A 368 -5.69 -0.04 8.68
N LEU A 369 -6.00 0.45 9.87
CA LEU A 369 -5.31 0.11 11.12
C LEU A 369 -6.19 -0.78 12.01
N HIS A 370 -5.53 -1.54 12.87
CA HIS A 370 -6.21 -2.37 13.81
C HIS A 370 -5.64 -2.13 15.25
N ILE A 371 -5.83 -0.94 15.77
CA ILE A 371 -5.18 -0.58 17.06
C ILE A 371 -6.07 -0.85 18.32
N LYS A 372 -7.35 -1.17 18.18
CA LYS A 372 -8.27 -1.31 19.32
C LYS A 372 -9.06 -2.59 19.13
N SER A 373 -8.77 -3.61 19.92
CA SER A 373 -9.32 -4.91 19.74
C SER A 373 -10.83 -4.96 20.04
N LEU A 374 -11.33 -4.06 20.85
CA LEU A 374 -12.78 -3.94 21.05
C LEU A 374 -13.50 -3.63 19.78
N ASP A 375 -12.80 -3.04 18.83
CA ASP A 375 -13.45 -2.68 17.54
C ASP A 375 -14.01 -3.89 16.81
N TRP A 376 -13.48 -5.08 17.02
CA TRP A 376 -14.00 -6.29 16.42
C TRP A 376 -14.49 -7.27 17.49
N GLU A 377 -15.03 -6.68 18.55
CA GLU A 377 -15.66 -7.31 19.62
C GLU A 377 -14.71 -8.26 20.35
N ASN A 378 -13.44 -7.89 20.47
CA ASN A 378 -12.55 -8.67 21.30
C ASN A 378 -11.94 -7.76 22.34
N PRO A 379 -12.71 -7.34 23.34
CA PRO A 379 -12.10 -6.39 24.34
C PRO A 379 -10.93 -6.98 25.15
N ASP A 380 -10.87 -8.30 25.19
CA ASP A 380 -9.82 -9.07 25.84
C ASP A 380 -8.53 -9.19 25.04
N GLY A 381 -8.48 -8.61 23.82
CA GLY A 381 -7.29 -8.66 22.96
C GLY A 381 -6.33 -7.55 23.38
N ILE A 382 -5.27 -7.45 22.64
CA ILE A 382 -4.28 -6.33 22.82
C ILE A 382 -4.00 -5.78 21.45
N LYS A 383 -4.68 -4.68 21.11
CA LYS A 383 -4.55 -4.08 19.74
C LYS A 383 -4.66 -5.26 18.73
N CYS A 384 -3.79 -5.37 17.70
CA CYS A 384 -3.89 -6.43 16.72
C CYS A 384 -3.04 -7.63 17.16
N ALA A 385 -2.38 -7.59 18.34
CA ALA A 385 -1.24 -8.48 18.57
C ALA A 385 -1.67 -9.91 18.92
N LEU A 386 -2.90 -10.11 19.42
CA LEU A 386 -3.36 -11.45 19.76
C LEU A 386 -4.14 -12.11 18.65
N GLU A 387 -4.21 -11.50 17.47
CA GLU A 387 -5.05 -11.95 16.42
C GLU A 387 -4.32 -12.81 15.41
N THR A 388 -4.74 -14.06 15.23
CA THR A 388 -4.09 -14.91 14.27
C THR A 388 -5.01 -15.43 13.14
N THR A 389 -6.28 -15.00 13.16
N THR A 389 -6.27 -14.98 13.16
CA THR A 389 -7.23 -15.35 12.10
CA THR A 389 -7.26 -15.36 12.15
C THR A 389 -7.94 -14.09 11.67
C THR A 389 -7.96 -14.09 11.69
N PRO A 390 -8.36 -14.03 10.40
CA PRO A 390 -9.18 -12.89 9.95
C PRO A 390 -10.55 -12.81 10.63
N ILE A 391 -11.20 -11.66 10.54
CA ILE A 391 -12.64 -11.55 10.83
C ILE A 391 -13.37 -12.35 9.75
N LEU A 392 -14.10 -13.38 10.16
CA LEU A 392 -14.84 -14.23 9.24
C LEU A 392 -16.40 -14.08 9.25
N ASN A 393 -16.94 -13.54 10.32
CA ASN A 393 -18.36 -13.38 10.46
C ASN A 393 -18.84 -12.14 9.71
N MET A 394 -19.38 -12.35 8.50
CA MET A 394 -19.81 -11.29 7.64
C MET A 394 -21.09 -10.60 8.15
N SER A 395 -21.74 -11.10 9.19
CA SER A 395 -22.93 -10.41 9.75
C SER A 395 -22.57 -9.61 11.01
N MET A 396 -21.26 -9.53 11.36
CA MET A 396 -20.83 -8.69 12.47
C MET A 396 -20.46 -7.32 11.91
N PRO A 397 -21.29 -6.31 12.12
CA PRO A 397 -20.90 -4.98 11.64
C PRO A 397 -19.80 -4.41 12.54
N PHE A 398 -18.81 -3.77 11.95
CA PHE A 398 -17.72 -3.23 12.74
C PHE A 398 -17.02 -2.11 11.97
N SER A 399 -16.27 -1.33 12.73
CA SER A 399 -15.41 -0.24 12.24
C SER A 399 -14.07 -0.42 12.95
N VAL A 400 -13.01 -0.04 12.27
CA VAL A 400 -11.63 -0.02 12.85
C VAL A 400 -11.13 1.39 12.59
N GLY A 401 -12.06 2.35 12.53
CA GLY A 401 -11.67 3.75 12.51
C GLY A 401 -11.23 4.37 11.21
N THR A 402 -11.35 3.65 10.09
CA THR A 402 -11.00 4.20 8.81
C THR A 402 -11.80 5.43 8.51
N ASP A 403 -11.14 6.48 8.01
CA ASP A 403 -11.84 7.68 7.71
C ASP A 403 -12.41 7.56 6.28
N TYR A 404 -13.62 7.06 6.22
CA TYR A 404 -14.27 6.92 4.92
C TYR A 404 -14.69 8.25 4.25
N ARG A 405 -14.61 9.40 4.92
CA ARG A 405 -14.74 10.71 4.20
C ARG A 405 -13.61 10.85 3.16
N LEU A 406 -12.41 10.40 3.49
CA LEU A 406 -11.31 10.46 2.55
C LEU A 406 -11.46 9.40 1.42
N PHE A 407 -11.92 8.22 1.79
CA PHE A 407 -12.28 7.21 0.82
C PHE A 407 -13.26 7.79 -0.24
N SER A 408 -14.33 8.49 0.16
CA SER A 408 -15.26 9.10 -0.80
C SER A 408 -14.66 10.14 -1.66
N VAL A 409 -13.81 11.00 -1.09
CA VAL A 409 -13.11 11.97 -1.87
C VAL A 409 -12.27 11.27 -2.93
N ALA A 410 -11.49 10.26 -2.52
CA ALA A 410 -10.62 9.59 -3.47
C ALA A 410 -11.46 8.87 -4.56
N GLU A 411 -12.49 8.13 -4.17
CA GLU A 411 -13.38 7.43 -5.09
C GLU A 411 -13.98 8.41 -6.10
N ASN A 412 -14.49 9.53 -5.62
CA ASN A 412 -15.07 10.51 -6.58
C ASN A 412 -14.08 11.14 -7.50
N VAL A 413 -12.99 11.65 -6.95
CA VAL A 413 -12.04 12.35 -7.77
C VAL A 413 -11.45 11.40 -8.80
N THR A 414 -11.19 10.15 -8.41
CA THR A 414 -10.58 9.23 -9.38
C THR A 414 -11.54 8.84 -10.47
N HIS A 415 -12.82 8.70 -10.17
N HIS A 415 -12.83 8.73 -10.14
CA HIS A 415 -13.76 8.35 -11.23
CA HIS A 415 -13.92 8.38 -11.10
C HIS A 415 -14.06 9.58 -12.13
C HIS A 415 -14.38 9.58 -11.92
N SER A 416 -13.84 10.78 -11.61
CA SER A 416 -14.17 12.04 -12.32
C SER A 416 -13.17 12.49 -13.41
N LEU A 417 -11.99 11.88 -13.48
CA LEU A 417 -10.97 12.33 -14.42
C LEU A 417 -11.20 11.84 -15.87
N ASN A 418 -10.65 12.60 -16.83
CA ASN A 418 -10.59 12.18 -18.23
C ASN A 418 -9.68 10.97 -18.41
N VAL A 419 -8.52 11.03 -17.77
CA VAL A 419 -7.63 9.90 -17.77
C VAL A 419 -8.24 8.84 -16.86
N PRO A 420 -8.45 7.61 -17.39
CA PRO A 420 -9.05 6.61 -16.51
C PRO A 420 -8.07 6.29 -15.37
N VAL A 421 -8.62 6.05 -14.22
CA VAL A 421 -7.83 5.61 -13.04
C VAL A 421 -8.61 4.47 -12.48
N TYR A 422 -7.93 3.36 -12.29
CA TYR A 422 -8.55 2.20 -11.69
C TYR A 422 -8.41 2.32 -10.16
N PHE A 423 -9.53 2.34 -9.50
CA PHE A 423 -9.56 2.53 -8.07
C PHE A 423 -9.40 1.18 -7.42
N LEU A 424 -8.28 0.97 -6.73
CA LEU A 424 -8.10 -0.26 -6.03
C LEU A 424 -8.81 -0.20 -4.67
N ASN A 425 -10.00 -0.74 -4.62
CA ASN A 425 -10.84 -0.60 -3.49
C ASN A 425 -10.51 -1.67 -2.43
N ILE A 426 -9.43 -1.43 -1.70
N ILE A 426 -9.45 -1.47 -1.68
CA ILE A 426 -8.87 -2.44 -0.81
CA ILE A 426 -8.99 -2.53 -0.79
C ILE A 426 -9.23 -2.27 0.65
C ILE A 426 -9.25 -2.28 0.67
N THR A 427 -10.02 -1.24 0.97
CA THR A 427 -10.23 -0.87 2.35
C THR A 427 -10.99 -1.89 3.21
N LYS A 428 -12.24 -2.16 2.84
CA LYS A 428 -13.05 -3.06 3.65
C LYS A 428 -12.44 -4.44 3.65
N LEU A 429 -11.97 -4.94 2.50
CA LEU A 429 -11.40 -6.25 2.49
C LEU A 429 -10.19 -6.34 3.37
N SER A 430 -9.45 -5.24 3.47
CA SER A 430 -8.24 -5.21 4.36
C SER A 430 -8.60 -5.13 5.83
N GLU A 431 -9.77 -4.51 6.11
CA GLU A 431 -10.28 -4.42 7.45
C GLU A 431 -10.54 -5.79 8.11
N TYR A 432 -10.86 -6.80 7.31
CA TYR A 432 -11.05 -8.13 7.87
C TYR A 432 -9.71 -8.72 8.38
N ARG A 433 -8.59 -8.24 7.89
CA ARG A 433 -7.29 -8.87 8.09
C ARG A 433 -6.60 -8.36 9.38
N LYS A 434 -7.36 -8.47 10.48
CA LYS A 434 -6.86 -8.13 11.82
C LYS A 434 -5.58 -8.92 12.23
N ASP A 435 -5.38 -10.01 11.52
CA ASP A 435 -4.28 -10.99 11.73
C ASP A 435 -2.99 -10.71 11.01
N ALA A 436 -2.93 -9.76 10.05
CA ALA A 436 -1.88 -9.74 9.11
C ALA A 436 -0.88 -8.62 9.33
N HIS A 437 -1.00 -7.90 10.47
CA HIS A 437 -0.09 -6.85 10.76
C HIS A 437 1.25 -7.36 11.29
N THR A 438 2.26 -6.50 11.19
CA THR A 438 3.63 -6.83 11.72
C THR A 438 3.65 -6.96 13.24
N SER A 439 2.77 -6.23 13.93
CA SER A 439 2.72 -6.32 15.39
C SER A 439 4.08 -5.99 15.95
N VAL A 440 4.54 -6.82 16.90
CA VAL A 440 5.84 -6.64 17.48
C VAL A 440 6.97 -7.31 16.73
N HIS A 441 6.66 -7.95 15.58
CA HIS A 441 7.61 -8.78 14.87
C HIS A 441 8.28 -7.92 13.77
N THR A 442 8.92 -6.87 14.19
CA THR A 442 9.34 -5.79 13.29
C THR A 442 10.46 -5.02 13.95
N ILE A 443 10.86 -3.96 13.29
CA ILE A 443 11.86 -3.02 13.77
C ILE A 443 11.35 -1.71 14.36
N ARG A 444 12.27 -1.09 15.06
CA ARG A 444 12.08 0.15 15.73
C ARG A 444 13.40 0.86 15.67
N GLN A 445 13.33 2.05 15.06
CA GLN A 445 14.48 2.92 14.82
C GLN A 445 15.64 2.04 14.36
N GLY A 446 15.37 1.26 13.32
CA GLY A 446 16.40 0.48 12.68
C GLY A 446 16.81 -0.86 13.25
N LYS A 447 16.25 -1.28 14.39
CA LYS A 447 16.60 -2.62 14.88
C LYS A 447 15.44 -3.42 15.44
N MET A 448 15.59 -4.74 15.38
CA MET A 448 14.57 -5.67 15.76
C MET A 448 14.15 -5.36 17.22
N LEU A 449 12.86 -5.31 17.45
CA LEU A 449 12.33 -5.30 18.80
C LEU A 449 12.92 -6.50 19.55
N THR A 450 13.34 -6.25 20.77
CA THR A 450 13.94 -7.28 21.65
C THR A 450 12.91 -8.20 22.16
N PRO A 451 13.34 -9.31 22.75
CA PRO A 451 12.30 -10.14 23.40
C PRO A 451 11.48 -9.36 24.46
N GLU A 452 12.13 -8.47 25.22
CA GLU A 452 11.44 -7.67 26.24
C GLU A 452 10.42 -6.72 25.65
N GLN A 453 10.76 -6.16 24.52
CA GLN A 453 9.88 -5.29 23.85
C GLN A 453 8.69 -6.02 23.23
N GLN A 454 8.98 -7.12 22.60
CA GLN A 454 7.94 -7.91 21.93
C GLN A 454 6.91 -8.47 22.90
N ALA A 455 7.35 -8.71 24.14
CA ALA A 455 6.50 -9.19 25.18
C ALA A 455 5.51 -8.15 25.64
N ASP A 456 5.67 -6.89 25.23
CA ASP A 456 4.72 -5.83 25.64
C ASP A 456 4.10 -5.20 24.39
N PRO A 457 3.23 -5.95 23.70
CA PRO A 457 2.54 -5.42 22.46
C PRO A 457 1.72 -4.17 22.66
N ASN A 458 1.09 -4.00 23.82
CA ASN A 458 0.38 -2.82 24.13
C ASN A 458 1.25 -1.53 23.86
N THR A 459 2.51 -1.60 24.19
CA THR A 459 3.44 -0.48 23.97
C THR A 459 4.06 -0.49 22.57
N TYR A 460 4.43 -1.65 22.09
CA TYR A 460 5.32 -1.78 20.91
C TYR A 460 4.71 -2.36 19.63
N ALA A 461 3.46 -2.87 19.66
CA ALA A 461 2.89 -3.48 18.45
C ALA A 461 2.64 -2.41 17.38
N ASP A 462 3.06 -2.71 16.17
CA ASP A 462 2.72 -1.91 14.95
C ASP A 462 1.48 -2.57 14.31
N CYS A 463 0.33 -1.92 14.37
CA CYS A 463 -0.87 -2.39 13.76
C CYS A 463 -1.26 -1.56 12.52
N ILE A 464 -0.22 -1.01 11.87
CA ILE A 464 -0.35 -0.30 10.63
C ILE A 464 0.16 -1.11 9.45
N HIS A 465 1.43 -1.55 9.55
CA HIS A 465 2.14 -2.22 8.49
C HIS A 465 1.79 -3.69 8.44
N TRP A 466 2.17 -4.32 7.35
CA TRP A 466 1.73 -5.67 7.03
C TRP A 466 2.92 -6.60 6.81
N CYS A 467 2.85 -7.83 7.38
CA CYS A 467 3.80 -8.90 7.10
C CYS A 467 3.80 -9.21 5.60
N LEU A 468 4.95 -9.62 5.11
CA LEU A 468 5.12 -10.12 3.70
C LEU A 468 5.79 -11.45 3.78
N PRO A 469 5.25 -12.50 3.13
CA PRO A 469 3.99 -12.49 2.42
C PRO A 469 2.79 -12.21 3.29
N GLY A 470 1.73 -11.70 2.65
CA GLY A 470 0.52 -11.41 3.39
C GLY A 470 -0.38 -10.51 2.57
N LEU A 471 -1.14 -9.68 3.28
CA LEU A 471 -2.19 -8.89 2.68
C LEU A 471 -1.78 -8.09 1.45
N PRO A 472 -0.63 -7.38 1.45
CA PRO A 472 -0.38 -6.55 0.24
C PRO A 472 -0.14 -7.37 -1.05
N ASP A 473 0.15 -8.67 -0.88
CA ASP A 473 0.22 -9.58 -2.03
C ASP A 473 -1.16 -9.62 -2.72
N THR A 474 -2.24 -9.58 -1.94
CA THR A 474 -3.59 -9.51 -2.50
C THR A 474 -3.80 -8.20 -3.22
N TRP A 475 -3.39 -7.11 -2.61
CA TRP A 475 -3.50 -5.78 -3.29
C TRP A 475 -2.80 -5.88 -4.67
N ASN A 476 -1.66 -6.52 -4.70
CA ASN A 476 -0.96 -6.69 -5.95
C ASN A 476 -1.61 -7.74 -6.89
N GLU A 477 -2.33 -8.77 -6.38
CA GLU A 477 -3.05 -9.67 -7.31
C GLU A 477 -4.14 -8.83 -8.09
N PHE A 478 -4.73 -7.81 -7.46
CA PHE A 478 -5.65 -6.90 -8.21
C PHE A 478 -4.91 -6.13 -9.31
N LEU A 479 -3.72 -5.56 -9.02
N LEU A 479 -3.74 -5.61 -8.97
CA LEU A 479 -2.93 -4.92 -10.03
CA LEU A 479 -2.89 -4.90 -9.89
C LEU A 479 -2.55 -5.85 -11.15
C LEU A 479 -2.44 -5.78 -11.07
N TYR A 480 -2.02 -7.01 -10.78
CA TYR A 480 -1.74 -8.04 -11.78
C TYR A 480 -2.94 -8.35 -12.72
N THR A 481 -4.11 -8.60 -12.14
CA THR A 481 -5.31 -8.94 -12.87
C THR A 481 -5.62 -7.84 -13.88
N ARG A 482 -5.53 -6.60 -13.46
CA ARG A 482 -5.87 -5.51 -14.37
C ARG A 482 -4.81 -5.39 -15.47
N ILE A 483 -3.55 -5.54 -15.12
CA ILE A 483 -2.46 -5.39 -16.10
C ILE A 483 -2.51 -6.48 -17.17
N ILE A 484 -2.68 -7.73 -16.77
CA ILE A 484 -2.73 -8.83 -17.76
C ILE A 484 -4.07 -8.83 -18.53
N SER A 485 -5.04 -8.11 -18.03
CA SER A 485 -6.32 -7.96 -18.73
C SER A 485 -6.31 -7.02 -19.94
N ARG A 486 -5.26 -6.22 -20.11
CA ARG A 486 -5.14 -5.25 -21.22
C ARG A 486 -3.97 -5.57 -22.07
C1 NAG B . -15.54 -1.25 -2.21
C2 NAG B . -16.86 -0.86 -2.89
C3 NAG B . -18.01 -1.11 -1.91
C4 NAG B . -17.97 -2.56 -1.42
C5 NAG B . -16.61 -2.94 -0.81
C6 NAG B . -16.60 -4.45 -0.44
C7 NAG B . -16.55 1.01 -4.50
C8 NAG B . -16.78 2.50 -4.61
N2 NAG B . -16.91 0.53 -3.31
O3 NAG B . -19.23 -0.97 -2.60
O4 NAG B . -19.04 -2.73 -0.48
O5 NAG B . -15.60 -2.66 -1.81
O6 NAG B . -15.30 -4.84 -0.04
O7 NAG B . -16.04 0.33 -5.41
C1 NAG B . -19.89 -3.84 -0.89
C2 NAG B . -20.72 -4.25 0.30
C3 NAG B . -21.86 -5.20 -0.10
C4 NAG B . -22.69 -4.77 -1.30
C5 NAG B . -21.69 -4.49 -2.44
C6 NAG B . -22.35 -3.98 -3.71
C7 NAG B . -19.46 -4.56 2.38
C8 NAG B . -18.68 -5.59 3.17
N2 NAG B . -19.94 -5.01 1.26
O3 NAG B . -22.66 -5.35 1.08
O4 NAG B . -23.68 -5.80 -1.58
O5 NAG B . -20.72 -3.52 -2.02
O6 NAG B . -21.43 -4.15 -4.81
O7 NAG B . -19.58 -3.42 2.74
CO CO C . -19.26 -18.51 0.37
CO CO D . 9.79 4.48 -21.37
C1 NAG E . -3.27 -27.08 4.83
C2 NAG E . -2.16 -28.07 5.19
C3 NAG E . -2.83 -29.28 5.87
C4 NAG E . -3.86 -28.88 6.94
C5 NAG E . -4.91 -27.93 6.36
C6 NAG E . -6.00 -27.52 7.36
C7 NAG E . -1.00 -29.25 3.19
C8 NAG E . -1.29 -30.68 3.56
N2 NAG E . -1.40 -28.19 3.93
O3 NAG E . -1.87 -30.13 6.53
O4 NAG E . -4.51 -30.03 7.50
O5 NAG E . -4.17 -26.79 5.92
O6 NAG E . -5.57 -26.50 8.29
O7 NAG E . -0.31 -29.01 2.18
C1 NAG F . 21.99 3.77 -8.51
C2 NAG F . 23.46 3.37 -8.76
C3 NAG F . 24.40 4.54 -8.95
C4 NAG F . 23.77 5.63 -9.81
C5 NAG F . 22.34 5.92 -9.33
C6 NAG F . 21.71 7.09 -10.06
C7 NAG F . 24.37 1.32 -7.76
C8 NAG F . 24.85 0.61 -6.50
N2 NAG F . 23.94 2.59 -7.62
O3 NAG F . 25.63 4.06 -9.54
O4 NAG F . 24.57 6.81 -9.66
O5 NAG F . 21.54 4.73 -9.45
O6 NAG F . 21.63 8.21 -9.16
O7 NAG F . 24.35 0.77 -8.85
C1 NAG G . 14.47 -0.28 -21.25
C2 NAG G . 14.42 0.32 -22.66
C3 NAG G . 14.25 1.85 -22.59
C4 NAG G . 12.98 2.23 -21.88
C5 NAG G . 13.07 1.66 -20.46
C6 NAG G . 11.85 1.96 -19.53
C7 NAG G . 15.73 -0.70 -24.47
C8 NAG G . 17.12 -0.77 -25.09
N2 NAG G . 15.65 0.08 -23.37
O3 NAG G . 14.24 2.54 -23.85
O4 NAG G . 12.83 3.69 -21.90
O5 NAG G . 13.32 0.24 -20.53
O6 NAG G . 10.65 2.34 -20.23
O7 NAG G . 14.75 -1.31 -24.93
C1 NAG H . -22.08 -12.97 13.62
C2 NAG H . -22.37 -13.95 14.74
C3 NAG H . -23.76 -13.83 15.35
C4 NAG H . -24.12 -12.39 15.70
C5 NAG H . -23.68 -11.45 14.58
C6 NAG H . -23.86 -9.97 14.96
C7 NAG H . -21.25 -16.16 14.63
C8 NAG H . -20.16 -15.78 15.57
N2 NAG H . -22.19 -15.30 14.27
O3 NAG H . -23.70 -14.67 16.52
O4 NAG H . -25.55 -12.23 15.87
O5 NAG H . -22.30 -11.70 14.21
O6 NAG H . -22.97 -9.67 16.03
O7 NAG H . -21.28 -17.24 14.13
C1 NAG I . -18.92 12.10 -3.60
C2 NAG I . -20.22 12.47 -4.35
C3 NAG I . -21.48 12.36 -3.48
C4 NAG I . -21.46 10.96 -2.84
C5 NAG I . -20.23 10.81 -1.90
C6 NAG I . -20.14 9.42 -1.23
C7 NAG I . -19.49 14.01 -6.13
C8 NAG I . -19.32 15.43 -6.60
N2 NAG I . -20.04 13.82 -4.93
O3 NAG I . -22.68 12.54 -4.25
O4 NAG I . -22.71 10.69 -2.19
O5 NAG I . -19.00 11.05 -2.61
O6 NAG I . -19.06 8.57 -1.73
O7 NAG I . -19.12 13.07 -6.82
CA CA J . -8.45 -21.28 -20.26
#